data_4P36
#
_entry.id   4P36
#
_cell.length_a   75.015
_cell.length_b   75.015
_cell.length_c   75.525
_cell.angle_alpha   90.00
_cell.angle_beta   90.00
_cell.angle_gamma   120.00
#
_symmetry.space_group_name_H-M   'P 31 2 1'
#
loop_
_entity.id
_entity.type
_entity.pdbx_description
1 polymer 'Protein DJ-1'
2 non-polymer 2,5,8,11,14,17-HEXAOXANONADECAN-19-OL
3 non-polymer 'ZINC ION'
4 water water
#
_entity_poly.entity_id   1
_entity_poly.type   'polypeptide(L)'
_entity_poly.pdbx_seq_one_letter_code
;MASKRALVILAKGAEEMETVIPVDVMRRAGIKVTVAGLAGKDPVQCSRDVVICPDASLEDAKKEGPYDVVVLPGGNLGAQ
NLSESAAVKEILKEQENRKGLIAAI(CSO)AGPTALLAHEIGFGSKVTTHPLAKDKMMNGGHYTYSENRVEKDGLILTSR
GPGTSFEFALAIVEALNGKEVAAQVKAPLVLKD
;
_entity_poly.pdbx_strand_id   A
#
loop_
_chem_comp.id
_chem_comp.type
_chem_comp.name
_chem_comp.formula
P15 non-polymer 2,5,8,11,14,17-HEXAOXANONADECAN-19-OL 'C13 H28 O7'
ZN non-polymer 'ZINC ION' 'Zn 2'
#
# COMPACT_ATOMS: atom_id res chain seq x y z
N ALA A 2 -2.46 17.22 -14.67
N ALA A 2 -4.66 15.59 -14.37
CA ALA A 2 -3.20 15.99 -14.42
CA ALA A 2 -3.23 15.88 -14.44
C ALA A 2 -2.61 15.25 -13.22
C ALA A 2 -2.51 15.38 -13.19
N SER A 3 -3.15 15.54 -12.04
CA SER A 3 -2.62 14.98 -10.81
C SER A 3 -2.74 13.47 -10.79
N LYS A 4 -1.70 12.85 -10.26
CA LYS A 4 -1.74 11.41 -10.03
CA LYS A 4 -1.74 11.41 -10.03
C LYS A 4 -2.72 11.14 -8.89
N ARG A 5 -3.22 9.91 -8.84
CA ARG A 5 -4.25 9.51 -7.90
C ARG A 5 -3.85 8.24 -7.17
N ALA A 6 -4.12 8.20 -5.87
CA ALA A 6 -3.80 7.07 -5.01
C ALA A 6 -5.03 6.59 -4.28
N LEU A 7 -5.20 5.28 -4.21
CA LEU A 7 -6.22 4.62 -3.42
C LEU A 7 -5.55 3.97 -2.23
N VAL A 8 -5.94 4.36 -1.02
CA VAL A 8 -5.44 3.75 0.21
C VAL A 8 -6.59 2.96 0.82
N ILE A 9 -6.42 1.65 0.94
CA ILE A 9 -7.51 0.80 1.42
C ILE A 9 -7.36 0.57 2.93
N LEU A 10 -8.35 1.05 3.67
CA LEU A 10 -8.31 1.12 5.12
C LEU A 10 -9.31 0.13 5.75
N ALA A 11 -8.76 -0.87 6.42
CA ALA A 11 -9.53 -1.91 7.09
C ALA A 11 -9.33 -1.87 8.60
N LYS A 12 -10.33 -2.38 9.35
CA LYS A 12 -10.21 -2.50 10.79
CA LYS A 12 -10.21 -2.49 10.80
C LYS A 12 -8.91 -3.21 11.15
N GLY A 13 -8.19 -2.66 12.13
CA GLY A 13 -6.93 -3.25 12.54
C GLY A 13 -5.73 -2.82 11.73
N ALA A 14 -5.91 -1.92 10.77
CA ALA A 14 -4.77 -1.35 10.06
C ALA A 14 -3.84 -0.62 11.02
N GLU A 15 -2.56 -0.61 10.69
CA GLU A 15 -1.61 0.19 11.45
C GLU A 15 -1.79 1.65 11.05
N GLU A 16 -2.23 2.45 12.01
CA GLU A 16 -2.59 3.84 11.73
C GLU A 16 -1.41 4.70 11.28
N MET A 17 -0.21 4.43 11.79
CA MET A 17 0.95 5.18 11.29
C MET A 17 1.24 4.87 9.83
N GLU A 18 1.10 3.60 9.46
CA GLU A 18 1.35 3.13 8.10
C GLU A 18 0.27 3.57 7.13
N THR A 19 -0.86 4.03 7.67
CA THR A 19 -1.94 4.59 6.88
C THR A 19 -1.73 6.11 6.73
N VAL A 20 -1.54 6.80 7.85
CA VAL A 20 -1.52 8.26 7.84
C VAL A 20 -0.24 8.83 7.23
N ILE A 21 0.91 8.20 7.49
N ILE A 21 0.90 8.19 7.47
CA ILE A 21 2.13 8.76 6.93
CA ILE A 21 2.14 8.72 6.93
C ILE A 21 2.09 8.76 5.38
C ILE A 21 2.16 8.73 5.39
N PRO A 22 1.72 7.63 4.74
CA PRO A 22 1.64 7.69 3.28
C PRO A 22 0.55 8.65 2.76
N VAL A 23 -0.61 8.69 3.40
CA VAL A 23 -1.66 9.60 2.95
C VAL A 23 -1.16 11.05 2.97
N ASP A 24 -0.59 11.45 4.10
CA ASP A 24 -0.13 12.81 4.32
C ASP A 24 1.01 13.15 3.35
N VAL A 25 2.03 12.30 3.29
CA VAL A 25 3.15 12.57 2.42
C VAL A 25 2.72 12.60 0.95
N MET A 26 1.82 11.71 0.54
CA MET A 26 1.33 11.75 -0.85
C MET A 26 0.57 13.05 -1.14
N ARG A 27 -0.24 13.51 -0.19
CA ARG A 27 -0.96 14.78 -0.37
C ARG A 27 0.02 15.95 -0.43
N ARG A 28 1.09 15.92 0.36
CA ARG A 28 2.13 16.93 0.26
C ARG A 28 2.75 16.98 -1.13
N ALA A 29 2.80 15.82 -1.80
CA ALA A 29 3.33 15.71 -3.15
C ALA A 29 2.32 16.08 -4.23
N GLY A 30 1.13 16.53 -3.84
CA GLY A 30 0.10 16.91 -4.80
C GLY A 30 -0.62 15.74 -5.44
N ILE A 31 -0.50 14.56 -4.85
CA ILE A 31 -1.26 13.41 -5.29
C ILE A 31 -2.67 13.50 -4.71
N LYS A 32 -3.67 13.17 -5.53
CA LYS A 32 -5.05 13.11 -5.06
CA LYS A 32 -5.05 13.11 -5.05
C LYS A 32 -5.28 11.75 -4.43
N VAL A 33 -5.41 11.73 -3.11
CA VAL A 33 -5.51 10.49 -2.35
C VAL A 33 -6.94 10.25 -1.90
N THR A 34 -7.43 9.03 -2.11
CA THR A 34 -8.70 8.59 -1.57
C THR A 34 -8.47 7.53 -0.51
N VAL A 35 -8.86 7.85 0.72
CA VAL A 35 -8.83 6.90 1.82
C VAL A 35 -10.17 6.17 1.80
N ALA A 36 -10.12 4.90 1.41
CA ALA A 36 -11.33 4.12 1.17
C ALA A 36 -11.53 3.07 2.25
N GLY A 37 -12.69 3.07 2.88
CA GLY A 37 -13.00 2.12 3.92
C GLY A 37 -13.44 0.79 3.34
N LEU A 38 -12.69 -0.26 3.65
CA LEU A 38 -13.02 -1.61 3.22
C LEU A 38 -14.48 -1.94 3.54
N ALA A 39 -14.90 -1.65 4.78
CA ALA A 39 -16.20 -2.08 5.27
C ALA A 39 -17.35 -1.14 4.91
N GLY A 40 -17.03 0.02 4.33
CA GLY A 40 -18.05 1.04 4.10
C GLY A 40 -17.50 2.42 4.45
N LYS A 41 -18.34 3.46 4.50
CA LYS A 41 -17.83 4.80 4.78
CA LYS A 41 -17.82 4.80 4.79
C LYS A 41 -17.77 5.11 6.28
N ASP A 42 -18.03 4.12 7.14
CA ASP A 42 -17.97 4.36 8.58
C ASP A 42 -16.55 4.47 9.14
N PRO A 43 -16.42 5.08 10.33
CA PRO A 43 -15.10 5.20 10.93
C PRO A 43 -14.42 3.85 11.13
N VAL A 44 -13.11 3.84 11.00
CA VAL A 44 -12.31 2.62 11.09
C VAL A 44 -11.42 2.67 12.34
N GLN A 45 -11.55 1.64 13.16
CA GLN A 45 -10.75 1.48 14.36
C GLN A 45 -9.44 0.77 14.01
N CYS A 46 -8.36 1.52 14.09
CA CYS A 46 -7.04 1.01 13.74
C CYS A 46 -6.42 0.19 14.87
N SER A 47 -5.26 -0.38 14.58
CA SER A 47 -4.62 -1.34 15.47
C SER A 47 -4.36 -0.82 16.87
N ARG A 48 -3.99 0.45 17.00
CA ARG A 48 -3.73 1.09 18.29
C ARG A 48 -4.85 2.08 18.63
N ASP A 49 -6.05 1.75 18.14
CA ASP A 49 -7.30 2.40 18.53
C ASP A 49 -7.50 3.84 18.04
N VAL A 50 -6.59 4.36 17.21
CA VAL A 50 -6.89 5.58 16.50
C VAL A 50 -8.05 5.29 15.54
N VAL A 51 -9.03 6.20 15.49
CA VAL A 51 -10.20 6.03 14.65
C VAL A 51 -10.13 7.05 13.52
N ILE A 52 -10.13 6.53 12.30
CA ILE A 52 -10.01 7.35 11.10
C ILE A 52 -11.30 7.28 10.31
N CYS A 53 -11.81 8.43 9.88
CA CYS A 53 -13.00 8.49 9.04
CA CYS A 53 -13.00 8.50 9.07
C CYS A 53 -12.59 8.49 7.58
N PRO A 54 -12.98 7.44 6.85
CA PRO A 54 -12.55 7.36 5.44
C PRO A 54 -13.23 8.41 4.56
N ASP A 55 -12.58 8.74 3.44
CA ASP A 55 -13.15 9.65 2.45
C ASP A 55 -14.37 9.06 1.75
N ALA A 56 -14.37 7.74 1.58
CA ALA A 56 -15.38 7.03 0.78
C ALA A 56 -15.36 5.57 1.17
N SER A 57 -16.42 4.84 0.84
CA SER A 57 -16.36 3.39 0.89
C SER A 57 -15.48 2.89 -0.25
N LEU A 58 -14.94 1.69 -0.10
CA LEU A 58 -14.17 1.09 -1.18
C LEU A 58 -15.06 0.92 -2.41
N GLU A 59 -16.31 0.52 -2.18
CA GLU A 59 -17.26 0.34 -3.26
C GLU A 59 -17.39 1.60 -4.12
N ASP A 60 -17.51 2.75 -3.46
CA ASP A 60 -17.63 3.98 -4.22
C ASP A 60 -16.30 4.40 -4.82
N ALA A 61 -15.22 4.21 -4.08
CA ALA A 61 -13.91 4.60 -4.57
C ALA A 61 -13.54 3.83 -5.83
N LYS A 62 -13.92 2.56 -5.90
CA LYS A 62 -13.59 1.77 -7.08
C LYS A 62 -14.20 2.38 -8.33
N LYS A 63 -15.39 2.94 -8.20
CA LYS A 63 -16.10 3.47 -9.35
CA LYS A 63 -16.10 3.47 -9.35
C LYS A 63 -15.39 4.69 -9.92
N GLU A 64 -14.52 5.30 -9.11
CA GLU A 64 -13.77 6.48 -9.53
C GLU A 64 -12.36 6.15 -10.00
N GLY A 65 -12.03 4.88 -10.13
CA GLY A 65 -10.71 4.47 -10.58
C GLY A 65 -10.57 4.68 -12.09
N PRO A 66 -9.45 4.23 -12.67
CA PRO A 66 -8.34 3.58 -11.95
C PRO A 66 -7.43 4.58 -11.28
N TYR A 67 -6.52 4.04 -10.47
CA TYR A 67 -5.60 4.84 -9.69
C TYR A 67 -4.19 4.56 -10.16
N ASP A 68 -3.31 5.55 -9.99
CA ASP A 68 -1.91 5.39 -10.32
C ASP A 68 -1.16 4.54 -9.31
N VAL A 69 -1.69 4.45 -8.09
CA VAL A 69 -1.16 3.52 -7.11
C VAL A 69 -2.29 3.05 -6.20
N VAL A 70 -2.25 1.77 -5.83
CA VAL A 70 -3.10 1.21 -4.78
C VAL A 70 -2.17 0.88 -3.62
N VAL A 71 -2.51 1.43 -2.44
CA VAL A 71 -1.67 1.32 -1.24
C VAL A 71 -2.35 0.48 -0.18
N LEU A 72 -1.62 -0.52 0.31
CA LEU A 72 -2.07 -1.39 1.37
C LEU A 72 -1.23 -1.17 2.62
N PRO A 73 -1.81 -0.53 3.63
CA PRO A 73 -1.14 -0.45 4.93
C PRO A 73 -0.99 -1.83 5.57
N GLY A 74 -0.17 -1.90 6.60
CA GLY A 74 -0.03 -3.10 7.41
C GLY A 74 -0.92 -3.08 8.64
N GLY A 75 -0.40 -3.69 9.71
CA GLY A 75 -1.22 -4.10 10.84
C GLY A 75 -1.71 -5.50 10.55
N ASN A 76 -1.40 -6.47 11.41
CA ASN A 76 -1.74 -7.86 11.09
CA ASN A 76 -1.73 -7.85 11.09
C ASN A 76 -3.22 -8.05 10.83
N LEU A 77 -4.06 -7.47 11.69
CA LEU A 77 -5.49 -7.70 11.52
C LEU A 77 -6.03 -6.95 10.30
N GLY A 78 -5.50 -5.76 10.04
CA GLY A 78 -5.89 -5.05 8.84
C GLY A 78 -5.51 -5.81 7.59
N ALA A 79 -4.28 -6.33 7.56
CA ALA A 79 -3.82 -7.09 6.40
C ALA A 79 -4.65 -8.35 6.22
N GLN A 80 -5.05 -9.00 7.31
CA GLN A 80 -5.87 -10.18 7.19
CA GLN A 80 -5.88 -10.19 7.21
C GLN A 80 -7.23 -9.80 6.59
N ASN A 81 -7.80 -8.68 7.04
CA ASN A 81 -9.06 -8.23 6.45
C ASN A 81 -8.90 -7.94 4.95
N LEU A 82 -7.79 -7.30 4.56
CA LEU A 82 -7.52 -7.07 3.15
C LEU A 82 -7.40 -8.40 2.38
N SER A 83 -6.72 -9.37 2.99
CA SER A 83 -6.46 -10.66 2.37
C SER A 83 -7.72 -11.48 2.15
N GLU A 84 -8.74 -11.25 2.98
CA GLU A 84 -9.99 -12.02 2.92
C GLU A 84 -11.02 -11.39 2.00
N SER A 85 -10.72 -10.20 1.49
CA SER A 85 -11.71 -9.42 0.74
C SER A 85 -11.71 -9.68 -0.76
N ALA A 86 -12.84 -10.16 -1.27
CA ALA A 86 -13.02 -10.36 -2.69
C ALA A 86 -12.92 -9.03 -3.45
N ALA A 87 -13.38 -7.95 -2.83
CA ALA A 87 -13.30 -6.64 -3.46
C ALA A 87 -11.84 -6.21 -3.64
N VAL A 88 -11.01 -6.44 -2.63
CA VAL A 88 -9.60 -6.11 -2.73
C VAL A 88 -8.95 -6.97 -3.82
N LYS A 89 -9.30 -8.25 -3.89
CA LYS A 89 -8.77 -9.13 -4.92
CA LYS A 89 -8.76 -9.13 -4.92
C LYS A 89 -9.00 -8.53 -6.30
N GLU A 90 -10.22 -8.09 -6.55
CA GLU A 90 -10.59 -7.54 -7.85
C GLU A 90 -9.81 -6.26 -8.15
N ILE A 91 -9.71 -5.38 -7.17
CA ILE A 91 -8.97 -4.15 -7.36
C ILE A 91 -7.50 -4.40 -7.67
N LEU A 92 -6.89 -5.32 -6.95
CA LEU A 92 -5.47 -5.61 -7.16
C LEU A 92 -5.23 -6.29 -8.48
N LYS A 93 -6.08 -7.23 -8.87
CA LYS A 93 -5.91 -7.90 -10.14
CA LYS A 93 -5.91 -7.89 -10.14
CA LYS A 93 -5.92 -7.90 -10.15
C LYS A 93 -6.08 -6.92 -11.29
N GLU A 94 -7.05 -6.02 -11.18
CA GLU A 94 -7.25 -5.00 -12.20
CA GLU A 94 -7.25 -4.99 -12.20
CA GLU A 94 -7.25 -4.99 -12.20
C GLU A 94 -6.02 -4.09 -12.30
N GLN A 95 -5.48 -3.71 -11.16
CA GLN A 95 -4.31 -2.84 -11.14
C GLN A 95 -3.09 -3.53 -11.76
N GLU A 96 -2.89 -4.79 -11.40
CA GLU A 96 -1.81 -5.57 -11.99
CA GLU A 96 -1.81 -5.58 -11.99
C GLU A 96 -2.01 -5.71 -13.50
N ASN A 97 -3.23 -6.00 -13.93
CA ASN A 97 -3.51 -6.22 -15.34
CA ASN A 97 -3.50 -6.21 -15.34
C ASN A 97 -3.24 -4.97 -16.19
N ARG A 98 -3.47 -3.80 -15.62
CA ARG A 98 -3.25 -2.55 -16.33
C ARG A 98 -1.84 -1.99 -16.13
N LYS A 99 -0.98 -2.75 -15.47
CA LYS A 99 0.40 -2.34 -15.25
C LYS A 99 0.50 -1.07 -14.39
N GLY A 100 -0.32 -1.03 -13.34
CA GLY A 100 -0.30 0.04 -12.38
C GLY A 100 0.44 -0.36 -11.12
N LEU A 101 1.01 0.63 -10.44
CA LEU A 101 1.78 0.41 -9.22
C LEU A 101 0.90 -0.08 -8.08
N ILE A 102 1.44 -1.04 -7.31
CA ILE A 102 0.85 -1.50 -6.07
C ILE A 102 1.93 -1.38 -5.00
N ALA A 103 1.56 -0.76 -3.88
CA ALA A 103 2.49 -0.49 -2.79
C ALA A 103 1.91 -1.05 -1.50
N ALA A 104 2.69 -1.84 -0.78
CA ALA A 104 2.22 -2.48 0.44
C ALA A 104 3.32 -2.47 1.50
N ILE A 105 2.96 -2.17 2.74
CA ILE A 105 3.93 -2.06 3.83
C ILE A 105 3.63 -3.01 5.03
N CSO A 106 4.71 -3.56 5.60
CA CSO A 106 4.67 -4.30 6.87
CA CSO A 106 4.69 -4.30 6.88
CB CSO A 106 4.05 -3.46 7.98
CB CSO A 106 4.11 -3.45 8.04
SG CSO A 106 4.54 -3.96 9.62
SG CSO A 106 3.87 -4.20 9.68
C CSO A 106 4.02 -5.68 6.73
O CSO A 106 4.62 -6.53 6.13
OD CSO A 106 2.43 -4.68 9.77
N ALA A 107 2.80 -5.89 7.23
CA ALA A 107 2.04 -7.12 6.94
C ALA A 107 1.23 -6.97 5.65
N GLY A 108 1.07 -5.74 5.16
CA GLY A 108 0.31 -5.49 3.95
C GLY A 108 0.67 -6.40 2.76
N PRO A 109 1.97 -6.68 2.54
CA PRO A 109 2.30 -7.50 1.38
C PRO A 109 1.71 -8.91 1.43
N THR A 110 1.34 -9.40 2.61
CA THR A 110 0.74 -10.72 2.68
C THR A 110 -0.62 -10.77 2.00
N ALA A 111 -1.28 -9.62 1.80
CA ALA A 111 -2.49 -9.57 0.99
C ALA A 111 -2.19 -9.80 -0.49
N LEU A 112 -0.99 -9.42 -0.94
CA LEU A 112 -0.56 -9.76 -2.30
C LEU A 112 -0.47 -11.27 -2.45
N LEU A 113 0.08 -11.96 -1.45
CA LEU A 113 0.14 -13.40 -1.51
C LEU A 113 -1.26 -14.00 -1.57
N ALA A 114 -2.14 -13.55 -0.68
CA ALA A 114 -3.50 -14.08 -0.63
C ALA A 114 -4.23 -13.94 -1.97
N HIS A 115 -3.96 -12.85 -2.68
CA HIS A 115 -4.65 -12.56 -3.93
C HIS A 115 -3.82 -12.91 -5.16
N GLU A 116 -2.71 -13.61 -4.94
CA GLU A 116 -1.84 -14.12 -6.00
CA GLU A 116 -1.84 -14.12 -6.00
C GLU A 116 -1.33 -13.01 -6.93
N ILE A 117 -0.91 -11.90 -6.32
CA ILE A 117 -0.44 -10.74 -7.04
C ILE A 117 1.09 -10.65 -7.04
N GLY A 118 1.67 -10.43 -8.21
CA GLY A 118 3.08 -10.14 -8.31
C GLY A 118 4.04 -11.27 -8.02
N PHE A 119 3.60 -12.51 -8.18
CA PHE A 119 4.48 -13.64 -7.94
C PHE A 119 5.72 -13.49 -8.82
N GLY A 120 6.87 -13.88 -8.26
CA GLY A 120 8.14 -13.78 -8.95
C GLY A 120 8.86 -12.49 -8.67
N SER A 121 8.25 -11.60 -7.89
CA SER A 121 8.87 -10.34 -7.49
C SER A 121 9.72 -10.47 -6.24
N LYS A 122 10.70 -9.58 -6.13
CA LYS A 122 11.41 -9.37 -4.88
CA LYS A 122 11.41 -9.34 -4.88
CA LYS A 122 11.42 -9.35 -4.89
C LYS A 122 10.55 -8.46 -4.00
N VAL A 123 10.40 -8.85 -2.74
CA VAL A 123 9.56 -8.15 -1.78
C VAL A 123 10.23 -8.12 -0.42
N THR A 124 9.84 -7.13 0.38
CA THR A 124 10.10 -7.15 1.81
C THR A 124 8.79 -7.05 2.56
N THR A 125 8.88 -7.30 3.87
CA THR A 125 7.76 -7.23 4.80
C THR A 125 8.32 -6.87 6.16
N HIS A 126 7.45 -6.67 7.14
CA HIS A 126 7.93 -6.67 8.51
C HIS A 126 8.66 -8.00 8.77
N PRO A 127 9.74 -7.99 9.56
CA PRO A 127 10.42 -9.25 9.86
C PRO A 127 9.49 -10.34 10.36
N LEU A 128 8.49 -9.99 11.16
CA LEU A 128 7.61 -11.00 11.73
C LEU A 128 6.61 -11.56 10.72
N ALA A 129 6.45 -10.91 9.56
CA ALA A 129 5.55 -11.37 8.51
C ALA A 129 6.26 -12.15 7.39
N LYS A 130 7.57 -12.34 7.52
CA LYS A 130 8.35 -12.98 6.46
CA LYS A 130 8.36 -12.97 6.48
C LYS A 130 7.86 -14.38 6.16
N ASP A 131 7.68 -15.20 7.19
CA ASP A 131 7.33 -16.59 6.96
C ASP A 131 5.97 -16.72 6.27
N LYS A 132 5.02 -15.90 6.66
CA LYS A 132 3.72 -15.91 6.00
CA LYS A 132 3.72 -15.90 6.01
C LYS A 132 3.85 -15.54 4.53
N MET A 133 4.58 -14.48 4.26
CA MET A 133 4.76 -14.01 2.89
C MET A 133 5.45 -15.04 2.01
N MET A 134 6.37 -15.78 2.60
CA MET A 134 7.24 -16.70 1.85
C MET A 134 6.69 -18.11 1.73
N ASN A 135 5.49 -18.35 2.23
CA ASN A 135 4.89 -19.66 2.15
C ASN A 135 4.66 -20.04 0.69
N GLY A 136 5.39 -21.06 0.24
CA GLY A 136 5.34 -21.49 -1.14
C GLY A 136 6.48 -20.99 -2.01
N GLY A 137 7.26 -20.04 -1.52
CA GLY A 137 8.37 -19.51 -2.29
C GLY A 137 7.98 -18.75 -3.53
N HIS A 138 6.85 -18.05 -3.49
CA HIS A 138 6.34 -17.38 -4.67
C HIS A 138 6.97 -16.02 -4.91
N TYR A 139 7.70 -15.52 -3.92
CA TYR A 139 8.43 -14.26 -3.99
C TYR A 139 9.85 -14.51 -3.53
N THR A 140 10.74 -13.58 -3.84
CA THR A 140 12.10 -13.62 -3.32
CA THR A 140 12.10 -13.60 -3.32
C THR A 140 12.21 -12.54 -2.25
N TYR A 141 12.74 -12.91 -1.08
CA TYR A 141 12.73 -12.00 0.06
C TYR A 141 13.90 -11.05 0.06
N SER A 142 13.63 -9.85 0.53
CA SER A 142 14.59 -8.78 0.65
C SER A 142 14.54 -8.18 2.05
N GLU A 143 15.70 -7.78 2.54
CA GLU A 143 15.86 -7.07 3.81
CA GLU A 143 15.78 -7.05 3.80
CA GLU A 143 15.78 -7.06 3.81
C GLU A 143 15.95 -5.55 3.60
N ASN A 144 15.84 -5.09 2.35
CA ASN A 144 15.89 -3.65 2.15
C ASN A 144 14.70 -2.97 2.81
N ARG A 145 14.91 -1.76 3.31
CA ARG A 145 13.86 -1.04 4.04
C ARG A 145 12.67 -0.71 3.17
N VAL A 146 12.96 -0.41 1.91
CA VAL A 146 11.98 -0.31 0.83
C VAL A 146 12.50 -1.17 -0.30
N GLU A 147 11.63 -1.96 -0.90
CA GLU A 147 11.98 -2.81 -2.04
C GLU A 147 11.04 -2.44 -3.17
N LYS A 148 11.56 -2.37 -4.37
CA LYS A 148 10.74 -2.09 -5.52
C LYS A 148 11.22 -2.97 -6.65
N ASP A 149 10.32 -3.82 -7.13
CA ASP A 149 10.64 -4.67 -8.26
C ASP A 149 9.56 -4.32 -9.25
N GLY A 150 9.91 -3.43 -10.17
CA GLY A 150 8.95 -2.91 -11.13
C GLY A 150 7.76 -2.29 -10.44
N LEU A 151 6.58 -2.85 -10.70
CA LEU A 151 5.31 -2.29 -10.21
C LEU A 151 4.84 -2.83 -8.85
N ILE A 152 5.72 -3.54 -8.14
CA ILE A 152 5.44 -4.02 -6.78
C ILE A 152 6.42 -3.36 -5.83
N LEU A 153 5.89 -2.50 -4.97
CA LEU A 153 6.68 -1.68 -4.05
CA LEU A 153 6.69 -1.69 -4.05
CA LEU A 153 6.69 -1.69 -4.05
C LEU A 153 6.31 -2.08 -2.62
N THR A 154 7.29 -2.53 -1.85
CA THR A 154 7.03 -3.03 -0.51
C THR A 154 7.97 -2.37 0.51
N SER A 155 7.60 -2.47 1.79
CA SER A 155 8.38 -1.90 2.86
CA SER A 155 8.36 -1.87 2.88
C SER A 155 8.07 -2.60 4.18
N ARG A 156 8.76 -2.24 5.25
CA ARG A 156 8.85 -3.10 6.43
C ARG A 156 8.04 -2.76 7.67
N GLY A 157 7.81 -1.50 8.01
CA GLY A 157 7.21 -1.22 9.30
C GLY A 157 6.91 0.24 9.52
N PRO A 158 6.40 0.59 10.71
CA PRO A 158 6.10 2.01 10.96
C PRO A 158 7.30 2.89 10.69
N GLY A 159 8.48 2.44 11.11
CA GLY A 159 9.71 3.21 10.98
C GLY A 159 10.29 3.26 9.59
N THR A 160 9.69 2.56 8.62
CA THR A 160 10.05 2.73 7.20
C THR A 160 8.95 3.45 6.43
N SER A 161 7.92 3.94 7.11
CA SER A 161 6.77 4.52 6.42
C SER A 161 7.10 5.79 5.64
N PHE A 162 7.97 6.64 6.19
CA PHE A 162 8.36 7.83 5.42
C PHE A 162 9.11 7.42 4.15
N GLU A 163 10.04 6.49 4.28
CA GLU A 163 10.81 6.01 3.13
C GLU A 163 9.88 5.39 2.08
N PHE A 164 8.91 4.60 2.54
CA PHE A 164 7.90 3.98 1.68
C PHE A 164 7.10 5.05 0.94
N ALA A 165 6.60 6.02 1.69
CA ALA A 165 5.77 7.08 1.11
C ALA A 165 6.57 7.88 0.08
N LEU A 166 7.81 8.21 0.41
CA LEU A 166 8.63 8.99 -0.51
C LEU A 166 9.03 8.19 -1.76
N ALA A 167 9.13 6.86 -1.63
CA ALA A 167 9.36 6.01 -2.78
C ALA A 167 8.13 6.02 -3.70
N ILE A 168 6.94 6.03 -3.13
CA ILE A 168 5.73 6.15 -3.94
C ILE A 168 5.72 7.50 -4.66
N VAL A 169 6.01 8.57 -3.93
CA VAL A 169 6.07 9.90 -4.55
C VAL A 169 7.06 9.93 -5.69
N GLU A 170 8.25 9.36 -5.49
CA GLU A 170 9.23 9.35 -6.57
CA GLU A 170 9.25 9.34 -6.56
C GLU A 170 8.72 8.58 -7.78
N ALA A 171 8.08 7.44 -7.55
CA ALA A 171 7.59 6.62 -8.64
C ALA A 171 6.52 7.33 -9.46
N LEU A 172 5.71 8.15 -8.81
CA LEU A 172 4.58 8.83 -9.46
CA LEU A 172 4.60 8.80 -9.50
C LEU A 172 4.95 10.20 -10.02
N ASN A 173 5.66 10.98 -9.21
CA ASN A 173 5.91 12.38 -9.52
C ASN A 173 7.36 12.75 -9.71
N GLY A 174 8.28 11.80 -9.52
CA GLY A 174 9.68 12.00 -9.82
C GLY A 174 10.55 12.37 -8.63
N LYS A 175 11.86 12.26 -8.84
CA LYS A 175 12.84 12.47 -7.76
CA LYS A 175 12.84 12.47 -7.76
C LYS A 175 12.83 13.90 -7.21
N GLU A 176 12.62 14.88 -8.08
CA GLU A 176 12.68 16.27 -7.64
C GLU A 176 11.54 16.59 -6.69
N VAL A 177 10.33 16.18 -7.04
CA VAL A 177 9.19 16.38 -6.16
C VAL A 177 9.41 15.64 -4.84
N ALA A 178 9.92 14.42 -4.89
CA ALA A 178 10.18 13.69 -3.65
C ALA A 178 11.15 14.46 -2.74
N ALA A 179 12.22 15.02 -3.33
CA ALA A 179 13.20 15.76 -2.54
C ALA A 179 12.57 17.04 -1.96
N GLN A 180 11.74 17.71 -2.74
CA GLN A 180 11.08 18.92 -2.28
C GLN A 180 10.13 18.64 -1.11
N VAL A 181 9.38 17.55 -1.21
CA VAL A 181 8.47 17.14 -0.15
C VAL A 181 9.24 16.70 1.09
N LYS A 182 10.37 16.06 0.88
CA LYS A 182 11.14 15.51 2.00
C LYS A 182 11.70 16.58 2.93
N ALA A 183 12.20 17.69 2.37
CA ALA A 183 12.98 18.61 3.19
C ALA A 183 12.21 19.20 4.38
N PRO A 184 10.95 19.64 4.18
CA PRO A 184 10.22 20.22 5.30
C PRO A 184 9.81 19.20 6.37
N LEU A 185 10.03 17.91 6.14
CA LEU A 185 9.63 16.90 7.12
C LEU A 185 10.60 16.77 8.31
N VAL A 186 11.83 17.26 8.15
CA VAL A 186 12.85 17.14 9.20
C VAL A 186 13.15 15.67 9.49
N LEU A 187 13.28 14.89 8.43
CA LEU A 187 13.81 13.53 8.53
C LEU A 187 15.31 13.57 8.79
N LYS A 188 15.86 12.49 9.32
CA LYS A 188 17.29 12.48 9.65
C LYS A 188 18.08 12.20 8.39
C13 P15 B . -1.95 -12.72 10.54
O6 P15 B . -2.78 -13.86 10.33
C12 P15 B . -2.50 -14.90 11.26
C11 P15 B . -3.42 -16.09 10.95
O5 P15 B . -3.09 -16.56 9.66
C10 P15 B . -4.20 -17.11 8.96
C9 P15 B . -3.91 -16.84 7.49
O4 P15 B . -4.86 -17.49 6.65
C8 P15 B . -4.66 -17.06 5.31
C7 P15 B . -5.78 -16.08 5.01
O3 P15 B . -5.86 -15.83 3.61
C6 P15 B . -7.02 -15.06 3.33
C5 P15 B . -8.01 -15.91 2.56
O2 P15 B . -9.28 -15.78 3.18
C4 P15 B . -10.34 -16.38 2.43
C3 P15 B . -11.67 -15.95 3.03
O1 P15 B . -11.70 -16.21 4.43
C2 P15 B . -12.85 -15.66 5.07
C1 P15 B . -12.74 -15.78 6.59
OXT P15 B . -13.09 -17.11 7.00
ZN ZN C . 3.21 -2.73 10.77
#